data_3T8J
#
_entry.id   3T8J
#
_cell.length_a   194.940
_cell.length_b   194.940
_cell.length_c   42.860
_cell.angle_alpha   90.000
_cell.angle_beta   90.000
_cell.angle_gamma   120.000
#
_symmetry.space_group_name_H-M   'P 64 2 2'
#
loop_
_entity.id
_entity.type
_entity.pdbx_description
1 polymer 'Purine nucleosidase, (IunH-1)'
2 non-polymer 'SODIUM ION'
3 water water
#
_entity_poly.entity_id   1
_entity_poly.type   'polypeptide(L)'
_entity_poly.pdbx_seq_one_letter_code
;MRHFIIDCDTAEDDVLSLYLLLKNNIDVVAVTIVEGNISYEQEVKNALWALEQVNREIPVYPGANKPLLKNYITVEKVHG
KGGIGDVTVEPKRLKAQEKHAALAIIDLANEYAGELEFLAISPLTNLALAYLLDNSIVKKIKKVWVMGGAVFGIGNITPV
AEFNIWVDPDAAKIVFNAGFDITMIPWDVIINYPVTDEEWNVIKNMKTRMSELYVSMYLHYRQYSSTVQKINGHPHPDAI
TTAIAIDGSIATRREKRFVVIDNTDNITRGMTLVDRFDADTSWSDKPNAEIVYEINKKSFMEKIYDLLNWF
;
_entity_poly.pdbx_strand_id   A
#
# COMPACT_ATOMS: atom_id res chain seq x y z
N MET A 1 -22.02 -4.55 -5.10
CA MET A 1 -20.78 -5.00 -4.38
C MET A 1 -19.54 -4.52 -5.11
N ARG A 2 -18.55 -4.08 -4.33
CA ARG A 2 -17.27 -3.66 -4.89
C ARG A 2 -16.31 -4.86 -4.86
N HIS A 3 -15.43 -4.92 -5.87
CA HIS A 3 -14.47 -6.02 -6.04
C HIS A 3 -13.05 -5.46 -6.14
N PHE A 4 -12.17 -5.98 -5.29
CA PHE A 4 -10.80 -5.49 -5.18
C PHE A 4 -9.75 -6.59 -5.36
N ILE A 5 -8.64 -6.22 -6.00
CA ILE A 5 -7.35 -6.91 -5.82
C ILE A 5 -6.53 -6.06 -4.87
N ILE A 6 -5.85 -6.71 -3.90
CA ILE A 6 -4.90 -6.00 -3.05
C ILE A 6 -3.50 -6.53 -3.37
N ASP A 7 -2.59 -5.60 -3.66
CA ASP A 7 -1.21 -5.90 -4.06
C ASP A 7 -0.28 -5.51 -2.92
N CYS A 8 0.43 -6.53 -2.41
CA CYS A 8 1.14 -6.49 -1.11
C CYS A 8 2.61 -6.89 -1.19
N ASP A 9 3.50 -6.05 -0.62
CA ASP A 9 4.86 -6.43 -0.21
C ASP A 9 4.79 -6.70 1.28
N THR A 10 4.16 -7.83 1.60
CA THR A 10 3.37 -7.95 2.83
C THR A 10 4.11 -7.71 4.13
N ALA A 11 3.77 -6.62 4.81
CA ALA A 11 4.23 -6.33 6.17
C ALA A 11 2.98 -5.92 7.00
N GLU A 12 3.17 -5.35 8.18
CA GLU A 12 2.07 -5.09 9.10
C GLU A 12 0.87 -4.32 8.51
N ASP A 13 1.15 -3.23 7.81
CA ASP A 13 0.06 -2.37 7.35
C ASP A 13 -0.65 -2.98 6.14
N ASP A 14 0.00 -3.92 5.42
CA ASP A 14 -0.67 -4.68 4.34
C ASP A 14 -1.68 -5.64 4.95
N VAL A 15 -1.26 -6.37 6.00
CA VAL A 15 -2.16 -7.25 6.73
C VAL A 15 -3.37 -6.48 7.26
N LEU A 16 -3.13 -5.34 7.89
CA LEU A 16 -4.26 -4.57 8.42
C LEU A 16 -5.19 -4.02 7.32
N SER A 17 -4.61 -3.67 6.18
CA SER A 17 -5.41 -3.19 5.03
C SER A 17 -6.32 -4.31 4.47
N LEU A 18 -5.76 -5.51 4.31
CA LEU A 18 -6.55 -6.68 3.89
C LEU A 18 -7.72 -6.84 4.86
N TYR A 19 -7.42 -6.79 6.15
CA TYR A 19 -8.46 -6.98 7.17
C TYR A 19 -9.52 -5.86 7.14
N LEU A 20 -9.11 -4.62 6.88
CA LEU A 20 -10.07 -3.51 6.79
CA LEU A 20 -10.08 -3.52 6.78
C LEU A 20 -11.08 -3.80 5.67
N LEU A 21 -10.58 -4.28 4.53
CA LEU A 21 -11.50 -4.60 3.42
C LEU A 21 -12.44 -5.73 3.83
N LEU A 22 -11.90 -6.82 4.38
CA LEU A 22 -12.71 -8.00 4.74
C LEU A 22 -13.70 -7.76 5.88
N LYS A 23 -13.27 -7.07 6.91
CA LYS A 23 -14.11 -6.72 8.05
C LYS A 23 -15.34 -6.00 7.57
N ASN A 24 -15.14 -5.14 6.57
CA ASN A 24 -16.19 -4.26 6.03
C ASN A 24 -16.96 -4.79 4.79
N ASN A 25 -16.88 -6.10 4.57
CA ASN A 25 -17.65 -6.80 3.52
C ASN A 25 -17.40 -6.29 2.09
N ILE A 26 -16.17 -5.86 1.81
CA ILE A 26 -15.69 -5.60 0.45
C ILE A 26 -15.17 -6.91 -0.13
N ASP A 27 -15.53 -7.22 -1.37
CA ASP A 27 -15.13 -8.49 -2.00
C ASP A 27 -13.67 -8.39 -2.44
N VAL A 28 -12.79 -9.11 -1.75
CA VAL A 28 -11.39 -9.20 -2.17
C VAL A 28 -11.24 -10.45 -3.03
N VAL A 29 -11.00 -10.25 -4.33
CA VAL A 29 -10.96 -11.38 -5.25
C VAL A 29 -9.57 -12.07 -5.39
N ALA A 30 -8.51 -11.37 -5.00
CA ALA A 30 -7.16 -11.93 -5.02
C ALA A 30 -6.24 -11.04 -4.22
N VAL A 31 -5.18 -11.66 -3.70
CA VAL A 31 -4.03 -10.97 -3.15
C VAL A 31 -2.84 -11.26 -4.07
N THR A 32 -2.14 -10.23 -4.50
CA THR A 32 -0.97 -10.35 -5.39
C THR A 32 0.26 -9.90 -4.59
N ILE A 33 1.40 -10.56 -4.78
CA ILE A 33 2.62 -10.29 -3.99
C ILE A 33 3.70 -9.70 -4.87
N VAL A 34 4.38 -8.68 -4.35
CA VAL A 34 5.42 -7.96 -5.08
C VAL A 34 6.64 -7.75 -4.16
N GLU A 35 7.82 -7.61 -4.76
CA GLU A 35 9.03 -7.26 -3.99
C GLU A 35 8.83 -5.95 -3.23
N GLY A 36 9.50 -5.81 -2.10
CA GLY A 36 9.53 -4.55 -1.36
C GLY A 36 10.03 -4.71 0.07
N ASN A 37 9.14 -4.52 1.02
CA ASN A 37 9.48 -4.36 2.42
C ASN A 37 10.42 -5.42 2.99
N ILE A 38 10.14 -6.69 2.74
CA ILE A 38 10.95 -7.78 3.33
C ILE A 38 11.20 -8.90 2.31
N SER A 39 11.93 -9.93 2.70
CA SER A 39 12.19 -11.05 1.81
C SER A 39 10.90 -11.54 1.13
N TYR A 40 10.99 -11.66 -0.19
CA TYR A 40 9.81 -11.98 -1.01
C TYR A 40 9.10 -13.27 -0.59
N GLU A 41 9.84 -14.34 -0.33
N GLU A 41 9.88 -14.33 -0.31
CA GLU A 41 9.15 -15.59 -0.01
CA GLU A 41 9.29 -15.62 0.11
C GLU A 41 8.42 -15.52 1.35
C GLU A 41 8.43 -15.48 1.34
N GLN A 42 8.92 -14.70 2.28
CA GLN A 42 8.22 -14.48 3.53
C GLN A 42 6.96 -13.61 3.31
N GLU A 43 7.04 -12.70 2.37
CA GLU A 43 5.84 -11.89 2.03
C GLU A 43 4.69 -12.77 1.56
N VAL A 44 4.98 -13.79 0.75
CA VAL A 44 3.97 -14.75 0.30
C VAL A 44 3.37 -15.51 1.47
N LYS A 45 4.24 -16.02 2.36
CA LYS A 45 3.78 -16.74 3.53
C LYS A 45 2.98 -15.87 4.48
N ASN A 46 3.35 -14.60 4.61
CA ASN A 46 2.62 -13.66 5.46
C ASN A 46 1.17 -13.51 4.98
N ALA A 47 0.99 -13.40 3.68
CA ALA A 47 -0.36 -13.22 3.15
C ALA A 47 -1.25 -14.47 3.36
N LEU A 48 -0.70 -15.65 3.09
CA LEU A 48 -1.39 -16.91 3.30
C LEU A 48 -1.78 -17.11 4.76
N TRP A 49 -0.82 -16.87 5.65
CA TRP A 49 -1.08 -16.92 7.07
C TRP A 49 -2.17 -15.93 7.49
N ALA A 50 -2.12 -14.69 7.00
CA ALA A 50 -3.12 -13.68 7.33
C ALA A 50 -4.54 -14.14 6.96
N LEU A 51 -4.69 -14.71 5.76
CA LEU A 51 -5.99 -15.21 5.33
C LEU A 51 -6.52 -16.31 6.23
N GLU A 52 -5.63 -17.19 6.68
CA GLU A 52 -6.02 -18.27 7.62
C GLU A 52 -6.62 -17.76 8.92
N GLN A 53 -6.16 -16.61 9.42
CA GLN A 53 -6.64 -16.09 10.72
C GLN A 53 -8.09 -15.64 10.64
N VAL A 54 -8.54 -15.36 9.42
CA VAL A 54 -9.93 -14.92 9.18
C VAL A 54 -10.71 -15.89 8.32
N ASN A 55 -10.28 -17.15 8.28
CA ASN A 55 -11.01 -18.25 7.65
C ASN A 55 -11.32 -18.09 6.14
N ARG A 56 -10.45 -17.43 5.39
CA ARG A 56 -10.63 -17.22 3.95
C ARG A 56 -9.66 -18.04 3.12
N GLU A 57 -10.07 -18.33 1.89
CA GLU A 57 -9.28 -19.13 0.95
C GLU A 57 -9.09 -18.33 -0.36
N ILE A 58 -9.03 -17.02 -0.23
CA ILE A 58 -8.78 -16.10 -1.35
C ILE A 58 -7.44 -16.46 -2.00
N PRO A 59 -7.37 -16.52 -3.33
CA PRO A 59 -6.09 -16.91 -3.92
C PRO A 59 -5.00 -15.86 -3.76
N VAL A 60 -3.79 -16.34 -3.49
CA VAL A 60 -2.58 -15.53 -3.40
C VAL A 60 -1.68 -15.87 -4.59
N TYR A 61 -1.42 -14.85 -5.43
CA TYR A 61 -0.61 -15.00 -6.62
C TYR A 61 0.74 -14.32 -6.45
N PRO A 62 1.83 -15.12 -6.37
CA PRO A 62 3.13 -14.51 -6.34
C PRO A 62 3.44 -13.80 -7.65
N GLY A 63 3.99 -12.61 -7.56
CA GLY A 63 4.35 -11.82 -8.74
C GLY A 63 5.83 -11.57 -8.84
N ALA A 64 6.19 -10.37 -9.28
CA ALA A 64 7.59 -9.98 -9.42
C ALA A 64 8.36 -10.08 -8.10
N ASN A 65 9.57 -10.64 -8.14
CA ASN A 65 10.44 -10.63 -6.96
C ASN A 65 11.63 -9.71 -7.08
N LYS A 66 11.60 -8.83 -8.08
CA LYS A 66 12.58 -7.78 -8.22
C LYS A 66 11.99 -6.72 -9.17
N PRO A 67 12.54 -5.49 -9.10
CA PRO A 67 12.07 -4.41 -10.00
C PRO A 67 12.34 -4.74 -11.46
N LEU A 68 11.65 -4.05 -12.37
CA LEU A 68 11.88 -4.29 -13.78
C LEU A 68 13.34 -4.15 -14.18
N LEU A 69 14.00 -3.09 -13.71
CA LEU A 69 15.36 -2.69 -14.13
C LEU A 69 16.33 -2.46 -12.96
N LYS A 70 15.88 -1.82 -11.92
CA LYS A 70 16.78 -1.31 -10.91
C LYS A 70 17.04 -2.30 -9.79
N ASN A 71 18.14 -2.08 -9.10
CA ASN A 71 18.32 -2.76 -7.82
C ASN A 71 17.49 -2.08 -6.76
N TYR A 72 17.22 -2.78 -5.65
CA TYR A 72 16.48 -2.20 -4.54
C TYR A 72 17.06 -2.79 -3.23
N ILE A 73 16.58 -2.29 -2.10
CA ILE A 73 16.88 -2.90 -0.79
C ILE A 73 15.59 -3.23 -0.08
N THR A 74 15.56 -4.37 0.61
CA THR A 74 14.52 -4.62 1.59
C THR A 74 14.79 -3.78 2.85
N VAL A 75 13.77 -3.62 3.69
CA VAL A 75 13.84 -2.83 4.91
C VAL A 75 13.34 -3.61 6.16
N GLU A 76 13.93 -4.78 6.40
N GLU A 76 13.95 -4.77 6.39
CA GLU A 76 13.62 -5.54 7.61
CA GLU A 76 13.71 -5.55 7.61
C GLU A 76 14.01 -4.77 8.88
C GLU A 76 13.97 -4.73 8.86
N LYS A 77 14.91 -3.79 8.78
CA LYS A 77 15.20 -2.93 9.94
C LYS A 77 13.95 -2.14 10.36
N VAL A 78 13.11 -1.78 9.38
CA VAL A 78 11.93 -0.98 9.62
C VAL A 78 10.77 -1.83 10.15
N HIS A 79 10.56 -3.00 9.55
CA HIS A 79 9.35 -3.82 9.80
C HIS A 79 9.60 -5.11 10.59
N GLY A 80 10.84 -5.42 10.89
CA GLY A 80 11.22 -6.72 11.46
C GLY A 80 11.50 -7.76 10.37
N LYS A 81 12.24 -8.82 10.72
CA LYS A 81 12.56 -9.86 9.73
C LYS A 81 11.33 -10.44 9.08
N GLY A 82 10.24 -10.57 9.84
CA GLY A 82 9.03 -11.20 9.33
C GLY A 82 7.99 -10.18 8.87
N GLY A 83 8.34 -8.90 8.92
CA GLY A 83 7.42 -7.85 8.44
C GLY A 83 6.38 -7.40 9.47
N ILE A 84 6.33 -8.11 10.59
CA ILE A 84 5.39 -7.89 11.68
C ILE A 84 6.16 -8.06 12.98
N GLY A 85 7.37 -7.52 12.98
CA GLY A 85 8.36 -7.86 14.00
C GLY A 85 9.21 -9.03 13.54
N ASP A 86 9.98 -9.62 14.45
CA ASP A 86 10.91 -10.68 14.02
C ASP A 86 10.31 -12.09 13.87
N VAL A 87 9.07 -12.32 14.33
CA VAL A 87 8.38 -13.58 14.07
C VAL A 87 8.21 -13.78 12.56
N THR A 88 8.47 -15.00 12.10
CA THR A 88 8.34 -15.41 10.72
C THR A 88 7.28 -16.50 10.63
N VAL A 89 6.06 -16.10 10.31
CA VAL A 89 4.92 -16.99 10.32
C VAL A 89 4.90 -17.94 9.14
N GLU A 90 4.09 -18.97 9.24
CA GLU A 90 3.96 -20.00 8.20
C GLU A 90 2.50 -20.44 8.20
N PRO A 91 1.84 -20.40 7.04
CA PRO A 91 0.49 -20.99 6.98
C PRO A 91 0.50 -22.48 7.26
N LYS A 92 -0.60 -22.95 7.86
CA LYS A 92 -0.76 -24.36 8.14
C LYS A 92 -1.30 -25.17 6.98
N ARG A 93 -2.13 -24.55 6.15
CA ARG A 93 -2.85 -25.26 5.10
C ARG A 93 -2.78 -24.59 3.73
N LEU A 94 -2.93 -23.27 3.65
CA LEU A 94 -3.03 -22.62 2.36
C LEU A 94 -1.69 -22.61 1.62
N LYS A 95 -1.77 -22.71 0.29
CA LYS A 95 -0.61 -22.68 -0.60
C LYS A 95 -0.80 -21.59 -1.65
N ALA A 96 0.30 -20.97 -2.07
CA ALA A 96 0.28 -19.98 -3.15
C ALA A 96 -0.16 -20.61 -4.46
N GLN A 97 -0.83 -19.82 -5.30
CA GLN A 97 -1.12 -20.20 -6.66
C GLN A 97 0.17 -20.27 -7.47
N GLU A 98 0.13 -21.01 -8.58
CA GLU A 98 1.28 -21.07 -9.51
C GLU A 98 1.36 -19.91 -10.50
N LYS A 99 0.21 -19.43 -10.93
CA LYS A 99 0.13 -18.37 -11.94
C LYS A 99 0.73 -17.04 -11.46
N HIS A 100 1.52 -16.39 -12.32
CA HIS A 100 2.11 -15.10 -12.03
C HIS A 100 1.01 -14.06 -11.78
N ALA A 101 1.19 -13.24 -10.75
CA ALA A 101 0.28 -12.15 -10.45
C ALA A 101 -0.12 -11.32 -11.69
N ALA A 102 0.83 -11.01 -12.57
CA ALA A 102 0.47 -10.15 -13.74
C ALA A 102 -0.58 -10.80 -14.63
N LEU A 103 -0.49 -12.11 -14.84
CA LEU A 103 -1.47 -12.86 -15.60
C LEU A 103 -2.82 -12.97 -14.85
N ALA A 104 -2.78 -13.15 -13.53
CA ALA A 104 -4.00 -13.15 -12.72
C ALA A 104 -4.73 -11.80 -12.78
N ILE A 105 -3.99 -10.71 -12.74
CA ILE A 105 -4.59 -9.35 -12.87
C ILE A 105 -5.34 -9.21 -14.19
N ILE A 106 -4.74 -9.67 -15.29
CA ILE A 106 -5.41 -9.61 -16.60
C ILE A 106 -6.70 -10.45 -16.59
N ASP A 107 -6.64 -11.68 -16.08
CA ASP A 107 -7.81 -12.54 -16.02
C ASP A 107 -8.94 -11.93 -15.20
N LEU A 108 -8.60 -11.36 -14.05
CA LEU A 108 -9.56 -10.77 -13.13
C LEU A 108 -10.15 -9.46 -13.68
N ALA A 109 -9.35 -8.70 -14.40
CA ALA A 109 -9.82 -7.48 -15.07
C ALA A 109 -10.86 -7.84 -16.13
N ASN A 110 -10.69 -8.98 -16.79
CA ASN A 110 -11.72 -9.44 -17.71
C ASN A 110 -12.96 -9.94 -16.99
N GLU A 111 -12.78 -10.73 -15.94
CA GLU A 111 -13.93 -11.31 -15.21
C GLU A 111 -14.81 -10.22 -14.57
N TYR A 112 -14.17 -9.16 -14.06
CA TYR A 112 -14.82 -8.04 -13.38
C TYR A 112 -14.68 -6.71 -14.15
N ALA A 113 -14.69 -6.78 -15.49
CA ALA A 113 -14.49 -5.60 -16.32
C ALA A 113 -15.43 -4.48 -15.96
N GLY A 114 -14.85 -3.32 -15.71
CA GLY A 114 -15.58 -2.13 -15.39
C GLY A 114 -15.92 -1.94 -13.93
N GLU A 115 -15.65 -2.96 -13.10
CA GLU A 115 -15.94 -2.88 -11.68
CA GLU A 115 -15.95 -2.89 -11.67
C GLU A 115 -14.70 -3.16 -10.81
N LEU A 116 -13.66 -3.76 -11.38
CA LEU A 116 -12.50 -4.14 -10.56
C LEU A 116 -11.75 -2.91 -10.07
N GLU A 117 -11.39 -2.91 -8.78
CA GLU A 117 -10.58 -1.87 -8.20
C GLU A 117 -9.26 -2.49 -7.75
N PHE A 118 -8.19 -1.72 -7.87
CA PHE A 118 -6.84 -2.21 -7.56
C PHE A 118 -6.25 -1.39 -6.43
N LEU A 119 -5.96 -2.04 -5.29
CA LEU A 119 -5.39 -1.36 -4.13
C LEU A 119 -3.87 -1.57 -4.17
N ALA A 120 -3.20 -0.56 -4.72
CA ALA A 120 -1.76 -0.55 -4.97
C ALA A 120 -1.06 0.09 -3.78
N ILE A 121 -0.85 -0.72 -2.75
CA ILE A 121 -0.20 -0.26 -1.50
C ILE A 121 1.27 -0.67 -1.41
N SER A 122 1.86 -1.01 -2.55
CA SER A 122 3.20 -1.58 -2.66
C SER A 122 3.90 -1.09 -3.92
N PRO A 123 5.16 -1.47 -4.15
CA PRO A 123 5.79 -1.17 -5.45
C PRO A 123 4.91 -1.65 -6.64
N LEU A 124 4.98 -0.96 -7.77
CA LEU A 124 3.98 -1.11 -8.82
C LEU A 124 4.31 -2.12 -9.95
N THR A 125 5.30 -2.97 -9.69
CA THR A 125 5.82 -3.90 -10.69
C THR A 125 4.75 -4.81 -11.30
N ASN A 126 3.88 -5.41 -10.49
CA ASN A 126 2.88 -6.35 -11.02
C ASN A 126 1.86 -5.64 -11.91
N LEU A 127 1.41 -4.46 -11.48
CA LEU A 127 0.41 -3.71 -12.30
C LEU A 127 1.06 -3.28 -13.60
N ALA A 128 2.31 -2.81 -13.57
CA ALA A 128 3.01 -2.45 -14.79
C ALA A 128 3.15 -3.63 -15.74
N LEU A 129 3.56 -4.79 -15.24
CA LEU A 129 3.71 -5.97 -16.09
CA LEU A 129 3.70 -6.00 -16.08
C LEU A 129 2.36 -6.40 -16.71
N ALA A 130 1.27 -6.36 -15.91
CA ALA A 130 -0.04 -6.67 -16.43
C ALA A 130 -0.41 -5.70 -17.57
N TYR A 131 -0.19 -4.41 -17.36
CA TYR A 131 -0.48 -3.38 -18.41
C TYR A 131 0.32 -3.66 -19.67
N LEU A 132 1.61 -3.93 -19.52
CA LEU A 132 2.50 -4.16 -20.66
C LEU A 132 2.02 -5.35 -21.52
N LEU A 133 1.51 -6.39 -20.87
CA LEU A 133 0.97 -7.56 -21.58
C LEU A 133 -0.43 -7.32 -22.18
N ASP A 134 -1.24 -6.48 -21.53
CA ASP A 134 -2.62 -6.18 -22.01
C ASP A 134 -3.00 -4.74 -21.66
N ASN A 135 -2.82 -3.84 -22.63
CA ASN A 135 -3.10 -2.43 -22.37
C ASN A 135 -4.58 -2.12 -22.06
N SER A 136 -5.49 -3.03 -22.42
CA SER A 136 -6.95 -2.87 -22.23
C SER A 136 -7.37 -2.85 -20.76
N ILE A 137 -6.47 -3.24 -19.86
CA ILE A 137 -6.83 -3.21 -18.44
C ILE A 137 -7.04 -1.79 -17.91
N VAL A 138 -6.58 -0.77 -18.64
CA VAL A 138 -6.78 0.60 -18.21
C VAL A 138 -8.27 0.98 -18.15
N LYS A 139 -9.06 0.49 -19.10
CA LYS A 139 -10.51 0.69 -19.01
C LYS A 139 -11.18 -0.34 -18.11
N LYS A 140 -10.71 -1.59 -18.14
CA LYS A 140 -11.36 -2.66 -17.38
C LYS A 140 -11.23 -2.51 -15.86
N ILE A 141 -10.13 -1.93 -15.41
CA ILE A 141 -10.00 -1.57 -14.01
C ILE A 141 -10.64 -0.21 -13.76
N LYS A 142 -11.64 -0.18 -12.88
CA LYS A 142 -12.40 1.02 -12.56
C LYS A 142 -11.57 2.11 -11.88
N LYS A 143 -10.69 1.69 -10.97
CA LYS A 143 -10.01 2.60 -10.08
C LYS A 143 -8.72 1.96 -9.57
N VAL A 144 -7.65 2.77 -9.51
CA VAL A 144 -6.38 2.38 -8.84
C VAL A 144 -6.20 3.33 -7.67
N TRP A 145 -6.07 2.74 -6.47
CA TRP A 145 -5.82 3.46 -5.22
C TRP A 145 -4.35 3.25 -4.85
N VAL A 146 -3.56 4.29 -4.97
CA VAL A 146 -2.09 4.20 -4.83
C VAL A 146 -1.65 4.79 -3.51
N MET A 147 -0.96 4.00 -2.69
CA MET A 147 -0.18 4.56 -1.59
C MET A 147 1.21 4.78 -2.19
N GLY A 148 1.63 6.04 -2.31
CA GLY A 148 2.93 6.30 -2.87
C GLY A 148 3.26 7.75 -2.97
N GLY A 149 4.54 8.04 -3.05
CA GLY A 149 5.06 9.35 -3.31
C GLY A 149 5.32 10.22 -2.10
N ALA A 150 6.00 11.32 -2.38
CA ALA A 150 6.26 12.39 -1.41
C ALA A 150 6.13 13.69 -2.17
N VAL A 151 5.00 14.36 -1.96
CA VAL A 151 4.63 15.51 -2.79
C VAL A 151 5.21 16.80 -2.27
N PHE A 152 5.87 16.77 -1.10
CA PHE A 152 6.67 17.89 -0.62
C PHE A 152 8.14 17.47 -0.49
N GLY A 153 8.51 16.38 -1.15
CA GLY A 153 9.87 15.87 -1.08
C GLY A 153 10.34 15.46 0.32
N ILE A 154 9.42 15.06 1.20
CA ILE A 154 9.76 14.57 2.54
C ILE A 154 9.62 13.05 2.45
N GLY A 155 10.72 12.39 2.09
CA GLY A 155 10.71 10.97 1.79
C GLY A 155 11.04 10.12 3.02
N ASN A 156 10.89 8.82 2.84
CA ASN A 156 11.27 7.84 3.88
C ASN A 156 12.48 6.99 3.51
N ILE A 157 12.48 6.39 2.32
CA ILE A 157 13.59 5.53 1.92
C ILE A 157 14.84 6.36 1.59
N THR A 158 14.67 7.51 0.95
CA THR A 158 15.72 8.52 0.80
C THR A 158 15.16 9.82 1.37
N PRO A 159 16.00 10.85 1.51
CA PRO A 159 15.46 12.10 2.02
C PRO A 159 14.28 12.67 1.21
N VAL A 160 14.22 12.37 -0.09
CA VAL A 160 13.23 13.01 -0.97
C VAL A 160 12.23 12.07 -1.66
N ALA A 161 12.39 10.75 -1.52
CA ALA A 161 11.53 9.76 -2.19
C ALA A 161 10.88 8.79 -1.21
N GLU A 162 9.70 8.35 -1.57
CA GLU A 162 8.91 7.35 -0.86
C GLU A 162 9.20 5.94 -1.39
N PHE A 163 9.19 4.96 -0.48
CA PHE A 163 9.62 3.61 -0.76
C PHE A 163 8.96 2.92 -1.96
N ASN A 164 7.62 2.91 -2.01
CA ASN A 164 6.94 2.14 -3.08
C ASN A 164 7.35 2.61 -4.47
N ILE A 165 7.40 3.93 -4.66
CA ILE A 165 7.81 4.49 -5.96
C ILE A 165 9.31 4.26 -6.20
N TRP A 166 10.13 4.50 -5.18
CA TRP A 166 11.58 4.34 -5.31
C TRP A 166 12.01 2.88 -5.68
N VAL A 167 11.33 1.88 -5.11
CA VAL A 167 11.72 0.45 -5.36
C VAL A 167 11.71 0.14 -6.84
N ASP A 168 10.66 0.61 -7.51
CA ASP A 168 10.49 0.37 -8.95
C ASP A 168 9.91 1.60 -9.64
N PRO A 169 10.79 2.58 -9.91
CA PRO A 169 10.26 3.84 -10.49
C PRO A 169 9.92 3.69 -11.94
N ASP A 170 10.50 2.68 -12.59
CA ASP A 170 10.12 2.37 -13.99
C ASP A 170 8.69 1.86 -14.05
N ALA A 171 8.36 0.91 -13.18
CA ALA A 171 6.99 0.43 -13.06
C ALA A 171 6.03 1.59 -12.74
N ALA A 172 6.43 2.48 -11.83
CA ALA A 172 5.58 3.62 -11.44
C ALA A 172 5.34 4.52 -12.64
N LYS A 173 6.41 4.79 -13.39
CA LYS A 173 6.28 5.68 -14.57
C LYS A 173 5.30 5.07 -15.56
N ILE A 174 5.42 3.77 -15.81
CA ILE A 174 4.47 3.07 -16.71
C ILE A 174 3.02 3.22 -16.23
N VAL A 175 2.78 3.04 -14.95
CA VAL A 175 1.43 3.09 -14.39
C VAL A 175 0.85 4.51 -14.49
N PHE A 176 1.68 5.52 -14.16
CA PHE A 176 1.22 6.91 -14.16
C PHE A 176 1.03 7.44 -15.57
N ASN A 177 1.63 6.81 -16.59
CA ASN A 177 1.50 7.24 -17.99
CA ASN A 177 1.50 7.24 -18.01
C ASN A 177 0.41 6.47 -18.76
N ALA A 178 -0.11 5.39 -18.19
CA ALA A 178 -1.00 4.45 -18.90
C ALA A 178 -2.41 4.97 -19.16
N GLY A 179 -2.91 5.82 -18.26
CA GLY A 179 -4.30 6.35 -18.32
C GLY A 179 -5.29 5.77 -17.32
N PHE A 180 -4.80 5.12 -16.25
CA PHE A 180 -5.67 4.64 -15.20
C PHE A 180 -6.30 5.80 -14.44
N ASP A 181 -7.44 5.56 -13.79
CA ASP A 181 -8.08 6.49 -12.87
C ASP A 181 -7.41 6.30 -11.51
N ILE A 182 -6.49 7.19 -11.17
CA ILE A 182 -5.62 7.08 -9.99
C ILE A 182 -5.99 8.11 -8.94
N THR A 183 -6.15 7.65 -7.69
CA THR A 183 -6.16 8.50 -6.52
C THR A 183 -4.94 8.08 -5.67
N MET A 184 -4.10 9.05 -5.34
CA MET A 184 -2.77 8.82 -4.72
C MET A 184 -2.74 9.43 -3.32
N ILE A 185 -2.25 8.64 -2.36
CA ILE A 185 -2.08 9.03 -0.98
C ILE A 185 -0.56 9.08 -0.69
N PRO A 186 0.02 10.28 -0.51
CA PRO A 186 1.48 10.39 -0.30
C PRO A 186 1.95 10.14 1.13
N TRP A 187 3.19 9.66 1.24
CA TRP A 187 3.84 9.49 2.52
C TRP A 187 3.86 10.77 3.36
N ASP A 188 4.18 11.90 2.73
CA ASP A 188 4.35 13.15 3.49
C ASP A 188 3.03 13.87 3.79
N VAL A 189 1.92 13.21 3.46
CA VAL A 189 0.61 13.55 3.97
C VAL A 189 0.27 12.63 5.16
N ILE A 190 0.41 11.33 5.00
CA ILE A 190 -0.03 10.39 6.04
C ILE A 190 0.80 10.54 7.34
N ILE A 191 2.05 11.02 7.26
CA ILE A 191 2.87 11.19 8.48
C ILE A 191 2.36 12.29 9.39
N ASN A 192 1.42 13.12 8.91
CA ASN A 192 0.76 14.11 9.76
C ASN A 192 -0.29 13.53 10.72
N TYR A 193 -0.58 12.22 10.59
CA TYR A 193 -1.66 11.56 11.30
C TYR A 193 -1.20 10.27 11.98
N PRO A 194 -0.13 10.34 12.81
CA PRO A 194 0.32 9.13 13.50
C PRO A 194 -0.63 8.69 14.60
N VAL A 195 -0.52 7.43 14.97
CA VAL A 195 -1.15 6.88 16.16
C VAL A 195 -0.35 7.34 17.40
N THR A 196 -0.99 8.20 18.20
CA THR A 196 -0.35 8.86 19.34
C THR A 196 -0.20 7.91 20.53
N ASP A 197 0.60 8.31 21.51
CA ASP A 197 0.75 7.50 22.72
C ASP A 197 -0.60 7.24 23.39
N GLU A 198 -1.48 8.25 23.43
CA GLU A 198 -2.83 8.10 23.99
C GLU A 198 -3.63 7.01 23.28
N GLU A 199 -3.59 7.05 21.96
CA GLU A 199 -4.30 6.08 21.13
C GLU A 199 -3.71 4.68 21.27
N TRP A 200 -2.39 4.58 21.29
CA TRP A 200 -1.69 3.31 21.47
C TRP A 200 -2.06 2.66 22.80
N ASN A 201 -2.07 3.44 23.88
CA ASN A 201 -2.48 2.94 25.20
C ASN A 201 -3.92 2.41 25.21
N VAL A 202 -4.82 3.11 24.50
CA VAL A 202 -6.22 2.64 24.40
C VAL A 202 -6.25 1.27 23.74
N ILE A 203 -5.50 1.12 22.66
CA ILE A 203 -5.44 -0.16 21.95
C ILE A 203 -4.85 -1.28 22.82
N LYS A 204 -3.79 -0.98 23.58
CA LYS A 204 -3.16 -1.98 24.44
C LYS A 204 -4.11 -2.49 25.52
N ASN A 205 -5.13 -1.69 25.86
CA ASN A 205 -6.07 -2.10 26.91
C ASN A 205 -7.38 -2.74 26.42
N MET A 206 -7.51 -2.92 25.10
CA MET A 206 -8.73 -3.47 24.50
C MET A 206 -8.92 -4.98 24.74
N LYS A 207 -7.82 -5.73 24.71
CA LYS A 207 -7.83 -7.18 25.03
C LYS A 207 -8.77 -8.06 24.17
N THR A 208 -8.84 -7.76 22.87
CA THR A 208 -9.43 -8.68 21.88
C THR A 208 -8.30 -9.37 21.14
N ARG A 209 -8.60 -10.42 20.36
CA ARG A 209 -7.56 -11.10 19.62
CA ARG A 209 -7.57 -11.11 19.59
C ARG A 209 -6.96 -10.13 18.59
N MET A 210 -7.82 -9.35 17.96
CA MET A 210 -7.35 -8.40 16.95
C MET A 210 -6.50 -7.29 17.56
N SER A 211 -6.89 -6.75 18.72
CA SER A 211 -6.09 -5.68 19.36
C SER A 211 -4.74 -6.25 19.80
N GLU A 212 -4.74 -7.46 20.32
CA GLU A 212 -3.47 -8.11 20.71
C GLU A 212 -2.56 -8.34 19.49
N LEU A 213 -3.16 -8.76 18.37
CA LEU A 213 -2.43 -8.96 17.13
C LEU A 213 -1.84 -7.63 16.61
N TYR A 214 -2.65 -6.58 16.64
CA TYR A 214 -2.18 -5.25 16.22
C TYR A 214 -0.98 -4.81 17.06
N VAL A 215 -1.07 -4.94 18.38
CA VAL A 215 0.06 -4.55 19.24
C VAL A 215 1.29 -5.37 18.87
N SER A 216 1.13 -6.67 18.71
CA SER A 216 2.25 -7.56 18.34
C SER A 216 2.89 -7.19 17.00
N MET A 217 2.04 -6.86 16.02
CA MET A 217 2.51 -6.58 14.66
C MET A 217 3.17 -5.22 14.50
N TYR A 218 2.81 -4.26 15.36
CA TYR A 218 3.22 -2.85 15.22
C TYR A 218 4.31 -2.40 16.18
N LEU A 219 4.63 -3.19 17.20
CA LEU A 219 5.60 -2.75 18.18
CA LEU A 219 5.62 -2.79 18.20
C LEU A 219 6.95 -2.37 17.57
N HIS A 220 7.52 -3.24 16.73
CA HIS A 220 8.85 -2.98 16.13
C HIS A 220 8.80 -1.75 15.24
N TYR A 221 7.78 -1.67 14.38
CA TYR A 221 7.59 -0.55 13.47
C TYR A 221 7.42 0.78 14.20
N ARG A 222 6.66 0.75 15.30
CA ARG A 222 6.49 1.95 16.11
C ARG A 222 7.80 2.45 16.72
N GLN A 223 8.60 1.54 17.30
CA GLN A 223 9.89 1.93 17.84
C GLN A 223 10.78 2.56 16.77
N TYR A 224 10.81 1.96 15.58
CA TYR A 224 11.69 2.44 14.53
C TYR A 224 11.18 3.80 14.03
N SER A 225 9.87 3.88 13.80
CA SER A 225 9.30 5.11 13.25
C SER A 225 9.56 6.32 14.15
N SER A 226 9.48 6.09 15.45
CA SER A 226 9.69 7.15 16.43
C SER A 226 11.17 7.54 16.56
N THR A 227 12.05 6.56 16.54
CA THR A 227 13.48 6.82 16.77
C THR A 227 14.24 7.33 15.55
N VAL A 228 13.88 6.87 14.35
CA VAL A 228 14.61 7.21 13.14
C VAL A 228 13.93 8.31 12.35
N GLN A 229 12.66 8.08 12.04
CA GLN A 229 11.87 8.99 11.23
CA GLN A 229 11.92 9.03 11.21
C GLN A 229 11.33 10.17 12.04
N LYS A 230 11.45 10.06 13.37
CA LYS A 230 11.06 11.12 14.30
CA LYS A 230 11.04 11.11 14.30
C LYS A 230 9.54 11.38 14.24
N ILE A 231 8.77 10.33 13.93
CA ILE A 231 7.32 10.41 13.91
C ILE A 231 6.86 10.26 15.35
N ASN A 232 5.81 11.00 15.72
CA ASN A 232 5.27 10.92 17.07
CA ASN A 232 5.20 10.95 17.04
C ASN A 232 4.26 9.76 17.19
N GLY A 233 4.82 8.54 17.20
CA GLY A 233 4.07 7.30 17.26
C GLY A 233 4.44 6.44 16.06
N HIS A 234 3.42 5.92 15.37
CA HIS A 234 3.65 5.18 14.14
C HIS A 234 2.61 5.61 13.10
N PRO A 235 2.99 5.52 11.83
CA PRO A 235 2.05 5.91 10.77
C PRO A 235 1.26 4.71 10.22
N HIS A 236 0.21 5.01 9.46
CA HIS A 236 -0.65 4.01 8.80
C HIS A 236 -0.77 4.33 7.30
N PRO A 237 0.35 4.25 6.55
CA PRO A 237 0.29 4.63 5.15
C PRO A 237 -0.73 3.84 4.34
N ASP A 238 -0.70 2.52 4.46
CA ASP A 238 -1.60 1.65 3.69
C ASP A 238 -3.01 1.62 4.25
N ALA A 239 -3.14 1.63 5.57
CA ALA A 239 -4.47 1.57 6.17
C ALA A 239 -5.26 2.85 5.93
N ILE A 240 -4.59 4.00 5.89
CA ILE A 240 -5.25 5.25 5.50
C ILE A 240 -5.71 5.20 4.03
N THR A 241 -4.85 4.71 3.14
CA THR A 241 -5.20 4.57 1.73
C THR A 241 -6.45 3.69 1.59
N THR A 242 -6.45 2.57 2.29
CA THR A 242 -7.54 1.61 2.28
C THR A 242 -8.83 2.21 2.84
N ALA A 243 -8.71 2.94 3.94
CA ALA A 243 -9.86 3.59 4.59
C ALA A 243 -10.51 4.58 3.64
N ILE A 244 -9.70 5.36 2.92
CA ILE A 244 -10.21 6.32 1.94
C ILE A 244 -10.87 5.56 0.77
N ALA A 245 -10.28 4.44 0.34
CA ALA A 245 -10.91 3.64 -0.73
C ALA A 245 -12.31 3.17 -0.32
N ILE A 246 -12.46 2.76 0.93
CA ILE A 246 -13.76 2.33 1.47
C ILE A 246 -14.74 3.49 1.64
N ASP A 247 -14.28 4.57 2.24
CA ASP A 247 -15.09 5.76 2.55
C ASP A 247 -14.34 7.03 2.13
N GLY A 248 -14.69 7.58 0.98
CA GLY A 248 -13.98 8.70 0.41
C GLY A 248 -14.05 9.98 1.24
N SER A 249 -15.06 10.10 2.12
CA SER A 249 -15.16 11.29 2.98
C SER A 249 -14.04 11.35 4.03
N ILE A 250 -13.28 10.28 4.18
CA ILE A 250 -12.09 10.33 5.08
C ILE A 250 -11.05 11.29 4.51
N ALA A 251 -10.96 11.40 3.18
CA ALA A 251 -10.14 12.45 2.54
C ALA A 251 -10.87 13.80 2.59
N THR A 252 -10.22 14.81 3.13
CA THR A 252 -10.83 16.13 3.30
C THR A 252 -10.30 17.23 2.36
N ARG A 253 -9.20 16.96 1.67
CA ARG A 253 -8.72 17.83 0.60
C ARG A 253 -8.07 16.99 -0.50
N ARG A 254 -8.48 17.21 -1.76
CA ARG A 254 -7.93 16.52 -2.92
C ARG A 254 -7.64 17.55 -4.03
N GLU A 255 -6.62 17.30 -4.84
CA GLU A 255 -6.30 18.12 -6.02
C GLU A 255 -5.95 17.23 -7.19
N LYS A 256 -6.45 17.52 -8.37
CA LYS A 256 -6.02 16.80 -9.55
C LYS A 256 -4.82 17.53 -10.15
N ARG A 257 -3.70 16.82 -10.25
CA ARG A 257 -2.44 17.42 -10.68
C ARG A 257 -1.69 16.52 -11.65
N PHE A 258 -0.60 17.03 -12.23
CA PHE A 258 0.23 16.28 -13.16
C PHE A 258 1.50 15.80 -12.42
N VAL A 259 1.63 14.48 -12.29
CA VAL A 259 2.74 13.84 -11.54
C VAL A 259 3.73 13.21 -12.51
N VAL A 260 5.02 13.58 -12.37
CA VAL A 260 6.09 12.97 -13.13
C VAL A 260 6.91 12.09 -12.17
N ILE A 261 7.21 10.86 -12.60
CA ILE A 261 8.05 9.95 -11.79
C ILE A 261 9.48 10.07 -12.27
N ASP A 262 10.40 10.30 -11.35
CA ASP A 262 11.84 10.27 -11.67
C ASP A 262 12.31 8.80 -11.66
N ASN A 263 12.63 8.27 -12.86
CA ASN A 263 13.09 6.89 -13.01
C ASN A 263 14.56 6.80 -13.39
N THR A 264 15.33 7.82 -12.99
CA THR A 264 16.77 7.77 -13.15
C THR A 264 17.40 6.94 -12.02
N ASP A 265 18.69 6.67 -12.19
CA ASP A 265 19.52 6.12 -11.11
C ASP A 265 20.32 7.23 -10.39
N ASN A 266 19.88 8.48 -10.55
CA ASN A 266 20.52 9.60 -9.90
C ASN A 266 19.97 9.76 -8.46
N ILE A 267 20.44 10.79 -7.77
CA ILE A 267 20.02 11.06 -6.42
C ILE A 267 18.50 11.27 -6.23
N THR A 268 17.82 11.75 -7.29
CA THR A 268 16.41 12.05 -7.31
C THR A 268 15.54 10.83 -7.67
N ARG A 269 16.16 9.64 -7.81
CA ARG A 269 15.43 8.43 -8.11
C ARG A 269 14.18 8.30 -7.25
N GLY A 270 13.05 7.99 -7.88
CA GLY A 270 11.83 7.72 -7.16
C GLY A 270 11.00 8.90 -6.71
N MET A 271 11.46 10.12 -6.98
CA MET A 271 10.67 11.30 -6.65
C MET A 271 9.40 11.37 -7.48
N THR A 272 8.35 11.82 -6.81
CA THR A 272 7.08 12.22 -7.47
C THR A 272 7.06 13.76 -7.58
N LEU A 273 7.23 14.26 -8.80
CA LEU A 273 7.36 15.69 -9.09
C LEU A 273 5.99 16.18 -9.57
N VAL A 274 5.42 17.12 -8.81
CA VAL A 274 4.01 17.49 -9.00
C VAL A 274 3.84 18.91 -9.56
N ASP A 275 3.26 19.01 -10.76
CA ASP A 275 2.89 20.28 -11.38
C ASP A 275 1.51 20.66 -10.85
N ARG A 276 1.44 21.82 -10.20
CA ARG A 276 0.21 22.37 -9.61
C ARG A 276 -0.42 23.41 -10.53
N PHE A 277 0.19 23.66 -11.70
CA PHE A 277 -0.26 24.65 -12.70
C PHE A 277 -0.17 26.09 -12.18
N ASP A 278 0.70 26.34 -11.20
CA ASP A 278 0.86 27.65 -10.56
C ASP A 278 2.30 28.22 -10.67
N ALA A 279 3.13 27.63 -11.50
CA ALA A 279 4.50 28.14 -11.66
C ALA A 279 4.67 28.92 -12.95
N ASP A 280 5.83 29.55 -13.11
CA ASP A 280 6.12 30.40 -14.30
C ASP A 280 6.30 29.57 -15.56
N THR A 281 6.59 28.28 -15.39
CA THR A 281 6.59 27.30 -16.47
C THR A 281 5.79 26.08 -16.00
N SER A 282 5.40 25.25 -16.95
CA SER A 282 4.57 24.08 -16.65
C SER A 282 4.97 22.96 -17.60
N TRP A 283 4.88 21.74 -17.10
CA TRP A 283 5.29 20.58 -17.87
C TRP A 283 4.15 20.04 -18.73
N SER A 284 2.95 20.05 -18.15
CA SER A 284 1.72 19.64 -18.84
C SER A 284 0.54 20.29 -18.14
N ASP A 285 -0.53 20.54 -18.88
CA ASP A 285 -1.79 20.97 -18.26
C ASP A 285 -2.80 19.84 -18.09
N LYS A 286 -2.37 18.60 -18.29
CA LYS A 286 -3.25 17.46 -18.23
C LYS A 286 -3.00 16.67 -16.95
N PRO A 287 -3.88 16.79 -15.96
CA PRO A 287 -3.65 15.98 -14.76
C PRO A 287 -3.70 14.48 -15.02
N ASN A 288 -2.91 13.73 -14.26
CA ASN A 288 -2.92 12.27 -14.33
C ASN A 288 -3.20 11.59 -12.98
N ALA A 289 -3.43 12.35 -11.93
CA ALA A 289 -3.70 11.75 -10.60
C ALA A 289 -4.43 12.70 -9.71
N GLU A 290 -5.35 12.17 -8.91
CA GLU A 290 -6.00 12.92 -7.87
C GLU A 290 -5.22 12.65 -6.60
N ILE A 291 -4.68 13.70 -6.00
CA ILE A 291 -3.80 13.55 -4.84
C ILE A 291 -4.56 13.96 -3.57
N VAL A 292 -4.48 13.13 -2.53
CA VAL A 292 -5.06 13.45 -1.23
C VAL A 292 -4.06 14.23 -0.39
N TYR A 293 -4.45 15.43 0.05
CA TYR A 293 -3.57 16.32 0.81
C TYR A 293 -3.92 16.41 2.30
N GLU A 294 -5.15 16.04 2.68
CA GLU A 294 -5.60 16.07 4.08
C GLU A 294 -6.65 14.97 4.34
N ILE A 295 -6.70 14.49 5.58
CA ILE A 295 -7.71 13.53 6.03
C ILE A 295 -8.35 14.00 7.35
N ASN A 296 -9.49 13.38 7.66
CA ASN A 296 -10.15 13.50 8.96
C ASN A 296 -9.62 12.39 9.87
N LYS A 297 -8.72 12.74 10.80
CA LYS A 297 -8.09 11.74 11.66
C LYS A 297 -9.10 10.98 12.51
N LYS A 298 -10.08 11.70 13.04
CA LYS A 298 -11.07 11.10 13.91
C LYS A 298 -11.85 10.01 13.18
N SER A 299 -12.27 10.32 11.95
CA SER A 299 -13.00 9.35 11.13
C SER A 299 -12.15 8.13 10.82
N PHE A 300 -10.87 8.34 10.52
CA PHE A 300 -9.98 7.23 10.23
C PHE A 300 -9.82 6.32 11.45
N MET A 301 -9.55 6.90 12.61
CA MET A 301 -9.35 6.09 13.81
C MET A 301 -10.62 5.35 14.24
N GLU A 302 -11.77 5.92 13.92
CA GLU A 302 -13.03 5.20 14.17
C GLU A 302 -13.08 3.88 13.39
N LYS A 303 -12.58 3.88 12.14
CA LYS A 303 -12.51 2.65 11.33
C LYS A 303 -11.54 1.66 11.95
N ILE A 304 -10.42 2.16 12.49
CA ILE A 304 -9.43 1.29 13.12
C ILE A 304 -9.99 0.63 14.41
N TYR A 305 -10.58 1.42 15.30
CA TYR A 305 -11.15 0.84 16.52
C TYR A 305 -12.24 -0.21 16.22
N ASP A 306 -13.05 0.07 15.21
CA ASP A 306 -14.07 -0.86 14.74
C ASP A 306 -13.47 -2.20 14.29
N LEU A 307 -12.39 -2.12 13.53
CA LEU A 307 -11.67 -3.32 13.10
C LEU A 307 -11.14 -4.12 14.29
N LEU A 308 -10.59 -3.44 15.28
CA LEU A 308 -9.92 -4.13 16.41
C LEU A 308 -10.91 -4.80 17.36
N ASN A 309 -12.17 -4.41 17.27
CA ASN A 309 -13.26 -5.05 17.99
C ASN A 309 -13.90 -6.25 17.26
N TRP A 310 -13.39 -6.61 16.08
CA TRP A 310 -13.94 -7.72 15.27
C TRP A 310 -14.00 -9.05 16.04
N PHE A 311 -12.86 -9.42 16.63
CA PHE A 311 -12.75 -10.62 17.44
C PHE A 311 -11.46 -10.53 18.26
#